data_7PTQ
#
_entry.id   7PTQ
#
_cell.length_a   1.00
_cell.length_b   1.00
_cell.length_c   1.00
_cell.angle_alpha   90.00
_cell.angle_beta   90.00
_cell.angle_gamma   90.00
#
_symmetry.space_group_name_H-M   'P 1'
#
_entity_poly.entity_id   1
_entity_poly.type   'polyribonucleotide'
_entity_poly.pdbx_seq_one_letter_code
;GGAAUUAGAGUGUGUUCCUGAACUGCUUCGGCGGUUCGCUACGUUCUUCGGAAUGUAUAUAGUGUUCGCAUUAUACCGUA
GUCCAAGCCGUGUGGUUCGCCGCACGUCGUUCGUUCGCGGACGAGCAGGUGCCAUAACCUCCAAAUGGUACCUGCGCGUG
UUGUCAGCAAGGUCUAAGCUGAUAACACUAUGCUAACGACUGAAGCAUAUUGGAUUACGGGCCAAGGGCAGCUAAGAUCG
GAAGCUGUCCUUGAGGAACGCACUCUGAUUCCCCUCCGGAAGGAGCCCCACAGGUAAUAAACCGAUCAUAUUACUUGUGC
ACUCGCAACAGUCGAGCGGGUGGUAAUGAUUGCGCCCGUUGGCUAGAAUAGACCACUAGCUAACGGCGGGUCUUGGAUCA
AUGGAGGAGAUCCAGGACCCGACCCGGACUUCGGUUCGGGUGCGGCCUUAGUUCGCUGAGGCCCGUCGCAUUCGUGUGAC
GGUGGUUAUUGCGGUCAAGGUUUCGACUUUGAGUAUUCCUUCGGGGAUACGCUUCUUCUGGAGG
;
_entity_poly.pdbx_strand_id   C
#
loop_
_chem_comp.id
_chem_comp.type
_chem_comp.name
_chem_comp.formula
A RNA linking ADENOSINE-5'-MONOPHOSPHATE 'C10 H14 N5 O7 P'
C RNA linking CYTIDINE-5'-MONOPHOSPHATE 'C9 H14 N3 O8 P'
G RNA linking GUANOSINE-5'-MONOPHOSPHATE 'C10 H14 N5 O8 P'
U RNA linking URIDINE-5'-MONOPHOSPHATE 'C9 H13 N2 O9 P'
#